data_1F93
#
_entry.id   1F93
#
_cell.length_a   49.480
_cell.length_b   82.750
_cell.length_c   70.640
_cell.angle_alpha   90.00
_cell.angle_beta   97.83
_cell.angle_gamma   90.00
#
_symmetry.space_group_name_H-M   'P 1 21 1'
#
loop_
_entity.id
_entity.type
_entity.pdbx_description
1 polymer 'DIMERIZATION COFACTOR OF HEPATOCYTE NUCLEAR FACTOR 1-ALPHA'
2 polymer 'HEPATOCYTE NUCLEAR FACTOR 1-ALPHA'
3 water water
#
loop_
_entity_poly.entity_id
_entity_poly.type
_entity_poly.pdbx_seq_one_letter_code
_entity_poly.pdbx_strand_id
1 'polypeptide(L)'
;(MSE)AGKAHRLSAEERDQLLPNLRAVGWNELEGRDAIFKQFHFKDFNRAFGF(MSE)TRVALQAEKLDHHPEWFNVYNK
VHITLSTHECAGLSERDINLASFIEQVAVS(MSE)T
;
A,B,C,D
2 'polypeptide(L)' MVSKLSQLQTELLAALLESGLSKEALIQALGE E,F,G,H
#
# COMPACT_ATOMS: atom_id res chain seq x y z
N ALA A 2 -31.88 -13.81 17.98
CA ALA A 2 -33.10 -14.18 17.21
C ALA A 2 -33.39 -15.68 17.30
N GLY A 3 -32.57 -16.38 18.08
CA GLY A 3 -32.72 -17.82 18.24
C GLY A 3 -31.79 -18.49 17.24
N LYS A 4 -32.33 -19.44 16.49
CA LYS A 4 -31.52 -20.10 15.47
C LYS A 4 -31.99 -19.62 14.10
N ALA A 5 -31.12 -19.71 13.11
CA ALA A 5 -31.46 -19.25 11.78
C ALA A 5 -32.63 -20.00 11.21
N HIS A 6 -33.36 -19.36 10.30
CA HIS A 6 -34.49 -20.00 9.65
C HIS A 6 -34.21 -20.01 8.15
N ARG A 7 -34.54 -21.13 7.51
CA ARG A 7 -34.34 -21.28 6.08
C ARG A 7 -35.21 -20.22 5.39
N LEU A 8 -34.63 -19.51 4.42
CA LEU A 8 -35.32 -18.44 3.70
C LEU A 8 -36.64 -18.90 3.09
N SER A 9 -37.66 -18.04 3.20
CA SER A 9 -38.98 -18.34 2.63
C SER A 9 -38.97 -18.01 1.15
N ALA A 10 -39.91 -18.59 0.40
CA ALA A 10 -39.98 -18.35 -1.03
C ALA A 10 -40.05 -16.83 -1.32
N GLU A 11 -40.65 -16.06 -0.42
CA GLU A 11 -40.74 -14.61 -0.62
C GLU A 11 -39.35 -14.00 -0.49
N GLU A 12 -38.63 -14.42 0.55
CA GLU A 12 -37.30 -13.89 0.81
C GLU A 12 -36.33 -14.26 -0.30
N ARG A 13 -36.38 -15.51 -0.73
CA ARG A 13 -35.52 -16.00 -1.78
C ARG A 13 -35.75 -15.16 -3.03
N ASP A 14 -37.01 -14.88 -3.28
CA ASP A 14 -37.43 -14.09 -4.44
C ASP A 14 -36.92 -12.65 -4.43
N GLN A 15 -36.64 -12.11 -3.25
CA GLN A 15 -36.16 -10.74 -3.12
C GLN A 15 -34.70 -10.59 -2.73
N LEU A 16 -34.02 -11.69 -2.41
CA LEU A 16 -32.62 -11.61 -2.00
C LEU A 16 -31.64 -12.33 -2.93
N LEU A 17 -32.08 -13.42 -3.54
CA LEU A 17 -31.23 -14.19 -4.45
C LEU A 17 -30.91 -13.51 -5.80
N PRO A 18 -31.87 -12.82 -6.40
CA PRO A 18 -31.63 -12.14 -7.69
C PRO A 18 -30.35 -11.34 -7.80
N ASN A 19 -30.10 -10.46 -6.84
CA ASN A 19 -28.88 -9.63 -6.89
C ASN A 19 -27.62 -10.47 -6.88
N LEU A 20 -27.65 -11.61 -6.20
CA LEU A 20 -26.48 -12.47 -6.17
C LEU A 20 -26.34 -13.29 -7.45
N ARG A 21 -27.43 -13.78 -8.05
CA ARG A 21 -27.27 -14.54 -9.29
C ARG A 21 -26.78 -13.58 -10.37
N ALA A 22 -27.24 -12.33 -10.28
CA ALA A 22 -26.85 -11.29 -11.21
C ALA A 22 -25.34 -11.25 -11.37
N VAL A 23 -24.62 -11.51 -10.28
CA VAL A 23 -23.17 -11.47 -10.33
C VAL A 23 -22.47 -12.81 -10.20
N GLY A 24 -23.10 -13.86 -10.70
CA GLY A 24 -22.45 -15.17 -10.69
C GLY A 24 -22.81 -16.26 -9.67
N TRP A 25 -23.61 -15.96 -8.66
CA TRP A 25 -23.96 -17.00 -7.71
C TRP A 25 -25.03 -17.90 -8.30
N ASN A 26 -24.95 -19.19 -7.99
CA ASN A 26 -25.90 -20.18 -8.47
C ASN A 26 -26.30 -21.12 -7.37
N GLU A 27 -27.50 -21.67 -7.46
CA GLU A 27 -27.95 -22.61 -6.46
C GLU A 27 -27.43 -23.97 -6.88
N LEU A 28 -26.96 -24.74 -5.91
CA LEU A 28 -26.42 -26.06 -6.15
C LEU A 28 -27.59 -27.01 -6.40
N GLU A 29 -27.35 -28.07 -7.17
CA GLU A 29 -28.42 -29.02 -7.47
C GLU A 29 -28.48 -30.14 -6.43
N GLY A 30 -29.68 -30.36 -5.92
CA GLY A 30 -29.87 -31.41 -4.93
C GLY A 30 -29.40 -30.94 -3.58
N ARG A 31 -29.38 -29.63 -3.39
CA ARG A 31 -28.96 -29.08 -2.11
C ARG A 31 -29.27 -27.59 -2.06
N ASP A 32 -29.80 -27.15 -0.93
CA ASP A 32 -30.16 -25.77 -0.76
C ASP A 32 -28.95 -24.96 -0.35
N ALA A 33 -28.23 -24.45 -1.35
CA ALA A 33 -27.04 -23.65 -1.12
C ALA A 33 -26.66 -22.89 -2.39
N ILE A 34 -25.86 -21.84 -2.23
CA ILE A 34 -25.42 -21.09 -3.38
C ILE A 34 -23.90 -21.22 -3.52
N PHE A 35 -23.42 -21.12 -4.76
CA PHE A 35 -21.99 -21.24 -4.98
C PHE A 35 -21.49 -20.32 -6.08
N LYS A 36 -20.18 -20.08 -6.07
CA LYS A 36 -19.55 -19.22 -7.06
C LYS A 36 -18.05 -19.43 -7.06
N GLN A 37 -17.48 -19.55 -8.26
CA GLN A 37 -16.03 -19.71 -8.43
C GLN A 37 -15.41 -18.33 -8.59
N PHE A 38 -14.30 -18.11 -7.88
CA PHE A 38 -13.57 -16.83 -7.94
C PHE A 38 -12.18 -17.12 -8.48
N HIS A 39 -11.63 -16.17 -9.22
CA HIS A 39 -10.29 -16.30 -9.81
C HIS A 39 -9.52 -15.01 -9.55
N PHE A 40 -8.27 -15.12 -9.10
CA PHE A 40 -7.46 -13.94 -8.87
C PHE A 40 -6.13 -14.01 -9.63
N LYS A 41 -5.32 -12.97 -9.49
CA LYS A 41 -4.04 -12.92 -10.17
C LYS A 41 -3.12 -14.05 -9.72
N ASP A 42 -2.98 -14.20 -8.41
CA ASP A 42 -2.11 -15.23 -7.84
C ASP A 42 -2.60 -15.72 -6.48
N PHE A 43 -1.91 -16.70 -5.92
CA PHE A 43 -2.27 -17.23 -4.61
C PHE A 43 -2.35 -16.11 -3.57
N ASN A 44 -1.34 -15.24 -3.58
CA ASN A 44 -1.26 -14.13 -2.63
C ASN A 44 -2.53 -13.29 -2.61
N ARG A 45 -3.01 -12.90 -3.79
CA ARG A 45 -4.24 -12.13 -3.89
C ARG A 45 -5.37 -13.01 -3.35
N ALA A 46 -5.43 -14.24 -3.85
CA ALA A 46 -6.44 -15.20 -3.46
C ALA A 46 -6.51 -15.33 -1.95
N PHE A 47 -5.35 -15.48 -1.30
CA PHE A 47 -5.36 -15.62 0.15
C PHE A 47 -5.62 -14.32 0.88
N GLY A 48 -5.38 -13.20 0.21
CA GLY A 48 -5.66 -11.91 0.84
C GLY A 48 -7.16 -11.81 0.91
N PHE A 49 -7.79 -12.20 -0.19
CA PHE A 49 -9.24 -12.24 -0.33
C PHE A 49 -9.83 -13.13 0.77
N THR A 51 -8.56 -14.06 3.50
CA THR A 51 -8.31 -13.48 4.81
C THR A 51 -9.34 -12.42 5.18
N ARG A 52 -9.60 -11.50 4.26
CA ARG A 52 -10.59 -10.47 4.52
C ARG A 52 -11.94 -11.13 4.80
N VAL A 53 -12.34 -12.06 3.92
CA VAL A 53 -13.61 -12.76 4.07
C VAL A 53 -13.66 -13.50 5.41
N ALA A 54 -12.53 -14.06 5.81
CA ALA A 54 -12.44 -14.80 7.08
C ALA A 54 -12.74 -13.91 8.26
N LEU A 55 -12.19 -12.69 8.26
CA LEU A 55 -12.42 -11.74 9.35
C LEU A 55 -13.89 -11.37 9.47
N GLN A 56 -14.57 -11.21 8.34
CA GLN A 56 -15.99 -10.90 8.36
C GLN A 56 -16.77 -12.12 8.83
N ALA A 57 -16.30 -13.30 8.44
CA ALA A 57 -16.95 -14.55 8.84
C ALA A 57 -16.95 -14.64 10.36
N GLU A 58 -15.89 -14.15 10.99
CA GLU A 58 -15.80 -14.16 12.44
C GLU A 58 -16.86 -13.23 13.05
N LYS A 59 -16.95 -12.01 12.52
CA LYS A 59 -17.92 -11.04 13.02
C LYS A 59 -19.35 -11.55 12.85
N LEU A 60 -19.58 -12.34 11.81
CA LEU A 60 -20.92 -12.87 11.56
C LEU A 60 -21.15 -14.23 12.24
N ASP A 61 -20.08 -14.92 12.58
CA ASP A 61 -20.19 -16.23 13.22
C ASP A 61 -20.82 -17.21 12.24
N HIS A 62 -20.57 -16.97 10.95
CA HIS A 62 -21.10 -17.81 9.88
C HIS A 62 -19.90 -18.05 8.97
N HIS A 63 -19.66 -19.30 8.59
CA HIS A 63 -18.49 -19.61 7.78
C HIS A 63 -18.76 -20.29 6.45
N PRO A 64 -17.93 -19.98 5.44
CA PRO A 64 -18.09 -20.55 4.11
C PRO A 64 -17.50 -21.94 3.94
N GLU A 65 -17.98 -22.64 2.91
CA GLU A 65 -17.47 -23.95 2.54
C GLU A 65 -16.63 -23.59 1.32
N TRP A 66 -15.33 -23.41 1.50
CA TRP A 66 -14.49 -23.03 0.37
C TRP A 66 -13.30 -23.94 0.06
N PHE A 67 -12.99 -23.99 -1.23
CA PHE A 67 -11.90 -24.80 -1.75
C PHE A 67 -10.96 -23.87 -2.51
N ASN A 68 -9.68 -23.94 -2.21
CA ASN A 68 -8.69 -23.08 -2.87
C ASN A 68 -7.54 -23.83 -3.53
N VAL A 69 -7.24 -23.43 -4.75
CA VAL A 69 -6.14 -24.02 -5.52
C VAL A 69 -5.42 -22.85 -6.17
N TYR A 70 -4.31 -22.44 -5.55
CA TYR A 70 -3.51 -21.33 -6.06
C TYR A 70 -4.30 -20.01 -6.12
N ASN A 71 -4.73 -19.63 -7.32
CA ASN A 71 -5.46 -18.38 -7.49
C ASN A 71 -7.00 -18.54 -7.61
N LYS A 72 -7.49 -19.76 -7.52
CA LYS A 72 -8.93 -20.01 -7.59
C LYS A 72 -9.49 -20.27 -6.22
N VAL A 73 -10.68 -19.74 -5.96
CA VAL A 73 -11.36 -19.93 -4.68
C VAL A 73 -12.83 -20.21 -4.99
N HIS A 74 -13.25 -21.46 -4.75
CA HIS A 74 -14.64 -21.86 -4.98
C HIS A 74 -15.37 -21.78 -3.63
N ILE A 75 -16.44 -21.00 -3.60
CA ILE A 75 -17.19 -20.82 -2.36
C ILE A 75 -18.62 -21.33 -2.39
N THR A 76 -19.00 -22.06 -1.35
CA THR A 76 -20.35 -22.60 -1.21
C THR A 76 -20.89 -22.12 0.12
N LEU A 77 -22.08 -21.53 0.09
CA LEU A 77 -22.69 -21.01 1.31
C LEU A 77 -24.01 -21.68 1.60
N SER A 78 -24.22 -22.01 2.87
CA SER A 78 -25.43 -22.67 3.32
C SER A 78 -25.35 -22.71 4.84
N THR A 79 -26.51 -22.68 5.51
CA THR A 79 -26.58 -22.67 6.96
C THR A 79 -26.88 -24.07 7.51
N HIS A 80 -25.95 -24.61 8.30
CA HIS A 80 -26.14 -25.96 8.85
C HIS A 80 -27.34 -26.09 9.78
N GLU A 81 -27.48 -25.19 10.75
CA GLU A 81 -28.61 -25.20 11.68
C GLU A 81 -29.95 -25.57 11.01
N CYS A 82 -30.25 -24.98 9.85
CA CYS A 82 -31.52 -25.26 9.16
C CYS A 82 -31.43 -26.03 7.86
N ALA A 83 -30.26 -26.59 7.54
CA ALA A 83 -30.11 -27.35 6.31
C ALA A 83 -30.49 -26.55 5.06
N GLY A 84 -30.11 -25.27 5.00
CA GLY A 84 -30.45 -24.48 3.83
C GLY A 84 -30.02 -23.03 3.92
N LEU A 85 -30.45 -22.23 2.94
CA LEU A 85 -30.12 -20.81 2.88
C LEU A 85 -30.86 -19.99 3.93
N SER A 86 -30.15 -19.04 4.53
CA SER A 86 -30.72 -18.16 5.54
C SER A 86 -30.09 -16.79 5.36
N GLU A 87 -30.62 -15.81 6.09
CA GLU A 87 -30.11 -14.43 6.05
C GLU A 87 -28.59 -14.45 6.02
N ARG A 88 -28.02 -15.21 6.95
CA ARG A 88 -26.58 -15.32 7.10
C ARG A 88 -25.84 -15.51 5.78
N ASP A 89 -26.30 -16.45 4.97
CA ASP A 89 -25.66 -16.75 3.70
C ASP A 89 -25.70 -15.57 2.77
N ILE A 90 -26.85 -14.92 2.73
CA ILE A 90 -27.05 -13.75 1.90
C ILE A 90 -26.10 -12.65 2.39
N ASN A 91 -26.07 -12.48 3.70
CA ASN A 91 -25.25 -11.46 4.33
C ASN A 91 -23.79 -11.64 3.94
N LEU A 92 -23.26 -12.82 4.24
CA LEU A 92 -21.86 -13.13 3.94
C LEU A 92 -21.55 -13.01 2.43
N ALA A 93 -22.47 -13.46 1.59
CA ALA A 93 -22.26 -13.39 0.15
C ALA A 93 -22.10 -11.95 -0.30
N SER A 94 -22.94 -11.06 0.20
CA SER A 94 -22.86 -9.65 -0.17
C SER A 94 -21.52 -9.06 0.21
N PHE A 95 -21.04 -9.39 1.40
CA PHE A 95 -19.75 -8.89 1.83
C PHE A 95 -18.64 -9.45 0.95
N ILE A 96 -18.76 -10.72 0.56
CA ILE A 96 -17.76 -11.33 -0.29
C ILE A 96 -17.69 -10.60 -1.63
N GLU A 97 -18.83 -10.16 -2.14
CA GLU A 97 -18.86 -9.44 -3.41
C GLU A 97 -18.19 -8.08 -3.24
N GLN A 98 -18.36 -7.47 -2.08
CA GLN A 98 -17.77 -6.17 -1.80
C GLN A 98 -16.26 -6.28 -1.88
N VAL A 99 -15.73 -7.38 -1.37
CA VAL A 99 -14.29 -7.60 -1.37
C VAL A 99 -13.75 -8.06 -2.73
N ALA A 100 -14.40 -9.05 -3.34
CA ALA A 100 -13.94 -9.56 -4.63
C ALA A 100 -14.02 -8.54 -5.74
N VAL A 101 -14.55 -7.35 -5.43
CA VAL A 101 -14.67 -6.31 -6.43
C VAL A 101 -13.68 -5.19 -6.19
N SER A 102 -13.34 -4.96 -4.92
CA SER A 102 -12.38 -3.92 -4.58
C SER A 102 -10.95 -4.45 -4.62
N THR A 104 -9.77 -5.30 -8.11
CA THR A 104 -9.58 -5.34 -9.56
C THR A 104 -8.73 -4.17 -10.10
N ALA B 5 9.69 -29.01 -9.03
CA ALA B 5 10.98 -29.34 -9.68
C ALA B 5 10.88 -30.63 -10.49
N HIS B 6 11.07 -31.77 -9.81
CA HIS B 6 11.00 -33.05 -10.49
C HIS B 6 10.20 -34.08 -9.68
N ARG B 7 9.62 -35.04 -10.38
CA ARG B 7 8.83 -36.11 -9.76
C ARG B 7 9.71 -37.12 -8.99
N LEU B 8 9.36 -37.38 -7.73
CA LEU B 8 10.10 -38.31 -6.90
C LEU B 8 10.21 -39.70 -7.52
N SER B 9 11.33 -40.37 -7.26
CA SER B 9 11.58 -41.72 -7.76
C SER B 9 11.07 -42.77 -6.75
N ALA B 10 11.01 -44.03 -7.15
CA ALA B 10 10.56 -45.09 -6.25
C ALA B 10 11.49 -45.12 -5.03
N GLU B 11 12.75 -44.75 -5.23
CA GLU B 11 13.71 -44.74 -4.15
C GLU B 11 13.39 -43.60 -3.18
N GLU B 12 13.10 -42.43 -3.72
CA GLU B 12 12.77 -41.27 -2.89
C GLU B 12 11.46 -41.47 -2.14
N ARG B 13 10.44 -41.98 -2.84
CA ARG B 13 9.15 -42.22 -2.22
C ARG B 13 9.34 -43.15 -1.03
N ASP B 14 10.19 -44.16 -1.22
CA ASP B 14 10.47 -45.16 -0.21
C ASP B 14 11.15 -44.58 1.04
N GLN B 15 11.85 -43.47 0.89
CA GLN B 15 12.55 -42.85 2.01
C GLN B 15 11.94 -41.54 2.52
N LEU B 16 10.93 -41.02 1.84
CA LEU B 16 10.31 -39.76 2.27
C LEU B 16 8.84 -39.87 2.67
N LEU B 17 8.11 -40.78 2.04
CA LEU B 17 6.71 -40.93 2.36
C LEU B 17 6.39 -41.59 3.71
N PRO B 18 7.20 -42.58 4.14
CA PRO B 18 6.95 -43.26 5.42
C PRO B 18 6.68 -42.35 6.61
N ASN B 19 7.54 -41.35 6.83
CA ASN B 19 7.34 -40.44 7.94
C ASN B 19 6.03 -39.70 7.89
N LEU B 20 5.56 -39.39 6.68
CA LEU B 20 4.29 -38.69 6.54
C LEU B 20 3.11 -39.67 6.73
N ARG B 21 3.23 -40.89 6.21
CA ARG B 21 2.16 -41.88 6.37
C ARG B 21 1.98 -42.22 7.85
N ALA B 22 3.09 -42.23 8.59
CA ALA B 22 3.09 -42.51 10.02
C ALA B 22 2.10 -41.60 10.76
N VAL B 23 2.01 -40.34 10.34
CA VAL B 23 1.13 -39.37 10.98
C VAL B 23 -0.19 -39.11 10.27
N GLY B 24 -0.64 -40.05 9.42
CA GLY B 24 -1.90 -39.86 8.73
C GLY B 24 -1.97 -39.52 7.24
N TRP B 25 -0.88 -39.10 6.61
CA TRP B 25 -0.97 -38.80 5.19
C TRP B 25 -1.21 -40.08 4.42
N ASN B 26 -2.00 -39.98 3.36
CA ASN B 26 -2.30 -41.12 2.52
C ASN B 26 -2.22 -40.73 1.05
N GLU B 27 -1.88 -41.69 0.21
CA GLU B 27 -1.80 -41.48 -1.21
C GLU B 27 -3.18 -41.64 -1.79
N LEU B 28 -3.53 -40.81 -2.77
CA LEU B 28 -4.83 -40.95 -3.39
C LEU B 28 -4.79 -42.23 -4.21
N GLU B 29 -5.90 -42.93 -4.25
CA GLU B 29 -6.03 -44.15 -5.02
C GLU B 29 -6.46 -43.72 -6.42
N GLY B 30 -5.51 -43.51 -7.33
CA GLY B 30 -5.87 -43.10 -8.68
C GLY B 30 -5.26 -41.79 -9.16
N ARG B 31 -4.47 -41.15 -8.30
CA ARG B 31 -3.82 -39.91 -8.67
C ARG B 31 -2.59 -39.85 -7.78
N ASP B 32 -1.47 -39.39 -8.33
CA ASP B 32 -0.23 -39.32 -7.56
C ASP B 32 -0.21 -38.08 -6.68
N ALA B 33 -0.74 -38.23 -5.47
CA ALA B 33 -0.80 -37.13 -4.53
C ALA B 33 -1.04 -37.66 -3.12
N ILE B 34 -0.75 -36.85 -2.11
CA ILE B 34 -0.97 -37.23 -0.73
C ILE B 34 -2.08 -36.36 -0.14
N PHE B 35 -2.80 -36.91 0.84
CA PHE B 35 -3.95 -36.24 1.42
C PHE B 35 -4.04 -36.46 2.93
N LYS B 36 -4.72 -35.57 3.63
CA LYS B 36 -4.90 -35.73 5.07
C LYS B 36 -5.90 -34.71 5.57
N GLN B 37 -6.81 -35.17 6.42
CA GLN B 37 -7.82 -34.30 6.99
C GLN B 37 -7.34 -33.78 8.33
N PHE B 38 -7.57 -32.50 8.57
CA PHE B 38 -7.19 -31.87 9.82
C PHE B 38 -8.42 -31.32 10.51
N HIS B 39 -8.43 -31.34 11.84
CA HIS B 39 -9.55 -30.81 12.59
C HIS B 39 -9.05 -29.96 13.73
N PHE B 40 -9.68 -28.81 13.94
CA PHE B 40 -9.27 -27.94 15.00
C PHE B 40 -10.40 -27.56 15.95
N LYS B 41 -10.03 -26.72 16.91
CA LYS B 41 -10.93 -26.23 17.96
C LYS B 41 -12.06 -25.40 17.37
N ASP B 42 -11.69 -24.43 16.53
CA ASP B 42 -12.66 -23.55 15.87
C ASP B 42 -12.13 -23.01 14.54
N PHE B 43 -12.96 -22.25 13.84
CA PHE B 43 -12.55 -21.66 12.57
C PHE B 43 -11.29 -20.84 12.75
N ASN B 44 -11.27 -20.00 13.79
CA ASN B 44 -10.15 -19.12 14.09
C ASN B 44 -8.82 -19.87 14.11
N ARG B 45 -8.77 -20.97 14.84
CA ARG B 45 -7.56 -21.78 14.91
C ARG B 45 -7.29 -22.31 13.52
N ALA B 46 -8.34 -22.87 12.91
CA ALA B 46 -8.23 -23.44 11.58
C ALA B 46 -7.62 -22.43 10.61
N PHE B 47 -8.13 -21.20 10.62
CA PHE B 47 -7.61 -20.21 9.71
C PHE B 47 -6.23 -19.67 10.11
N GLY B 48 -5.88 -19.80 11.39
CA GLY B 48 -4.57 -19.36 11.83
C GLY B 48 -3.59 -20.35 11.22
N PHE B 49 -3.98 -21.62 11.28
CA PHE B 49 -3.21 -22.73 10.72
C PHE B 49 -3.01 -22.51 9.22
N THR B 51 -3.23 -19.82 7.58
CA THR B 51 -2.41 -18.63 7.34
C THR B 51 -0.91 -18.95 7.45
N ARG B 52 -0.52 -19.62 8.52
CA ARG B 52 0.89 -19.98 8.67
C ARG B 52 1.33 -20.82 7.47
N VAL B 53 0.55 -21.84 7.14
CA VAL B 53 0.87 -22.72 6.01
C VAL B 53 0.96 -21.91 4.72
N ALA B 54 0.08 -20.92 4.57
CA ALA B 54 0.06 -20.07 3.39
C ALA B 54 1.36 -19.29 3.22
N LEU B 55 1.88 -18.75 4.32
CA LEU B 55 3.13 -18.01 4.29
C LEU B 55 4.30 -18.90 3.85
N GLN B 56 4.31 -20.14 4.31
CA GLN B 56 5.36 -21.07 3.92
C GLN B 56 5.17 -21.44 2.45
N ALA B 57 3.92 -21.56 2.03
CA ALA B 57 3.62 -21.91 0.64
C ALA B 57 4.22 -20.85 -0.28
N GLU B 58 4.21 -19.60 0.18
CA GLU B 58 4.76 -18.51 -0.61
C GLU B 58 6.28 -18.67 -0.74
N LYS B 59 6.94 -18.93 0.38
CA LYS B 59 8.40 -19.12 0.38
C LYS B 59 8.80 -20.29 -0.49
N LEU B 60 7.96 -21.32 -0.56
CA LEU B 60 8.27 -22.50 -1.36
C LEU B 60 7.76 -22.30 -2.77
N ASP B 61 6.85 -21.35 -2.92
CA ASP B 61 6.24 -21.10 -4.22
C ASP B 61 5.53 -22.38 -4.63
N HIS B 62 5.01 -23.10 -3.64
CA HIS B 62 4.29 -24.34 -3.87
C HIS B 62 3.02 -24.22 -3.03
N HIS B 63 1.87 -24.50 -3.63
CA HIS B 63 0.62 -24.34 -2.90
C HIS B 63 -0.24 -25.57 -2.77
N PRO B 64 -0.95 -25.69 -1.65
CA PRO B 64 -1.83 -26.84 -1.39
C PRO B 64 -3.19 -26.77 -2.07
N GLU B 65 -3.82 -27.93 -2.19
CA GLU B 65 -5.18 -28.03 -2.72
C GLU B 65 -5.95 -28.29 -1.43
N TRP B 66 -6.53 -27.25 -0.84
CA TRP B 66 -7.26 -27.43 0.40
C TRP B 66 -8.71 -26.97 0.42
N PHE B 67 -9.49 -27.70 1.21
CA PHE B 67 -10.91 -27.44 1.40
C PHE B 67 -11.14 -27.21 2.89
N ASN B 68 -11.85 -26.13 3.24
CA ASN B 68 -12.13 -25.79 4.64
C ASN B 68 -13.60 -25.59 4.94
N VAL B 69 -14.04 -26.21 6.02
CA VAL B 69 -15.42 -26.09 6.49
C VAL B 69 -15.34 -25.88 7.99
N TYR B 70 -15.48 -24.63 8.41
CA TYR B 70 -15.41 -24.27 9.83
C TYR B 70 -14.07 -24.66 10.47
N ASN B 71 -14.06 -25.75 11.24
CA ASN B 71 -12.84 -26.19 11.92
C ASN B 71 -12.10 -27.31 11.21
N LYS B 72 -12.60 -27.69 10.05
CA LYS B 72 -11.99 -28.75 9.29
C LYS B 72 -11.17 -28.19 8.13
N VAL B 73 -10.06 -28.86 7.84
CA VAL B 73 -9.20 -28.46 6.73
C VAL B 73 -8.66 -29.72 6.08
N HIS B 74 -9.13 -30.01 4.87
CA HIS B 74 -8.66 -31.18 4.12
C HIS B 74 -7.59 -30.72 3.14
N ILE B 75 -6.41 -31.31 3.22
CA ILE B 75 -5.32 -30.90 2.33
C ILE B 75 -4.85 -31.99 1.38
N THR B 76 -4.65 -31.60 0.13
CA THR B 76 -4.16 -32.52 -0.90
C THR B 76 -2.94 -31.84 -1.51
N LEU B 77 -1.84 -32.58 -1.59
CA LEU B 77 -0.60 -32.04 -2.14
C LEU B 77 -0.12 -32.85 -3.34
N SER B 78 0.36 -32.11 -4.34
CA SER B 78 0.88 -32.69 -5.57
C SER B 78 1.52 -31.57 -6.36
N THR B 79 2.36 -31.93 -7.32
CA THR B 79 3.04 -30.94 -8.14
C THR B 79 2.59 -31.03 -9.60
N HIS B 80 1.84 -30.03 -10.04
CA HIS B 80 1.31 -29.99 -11.41
C HIS B 80 2.39 -29.96 -12.51
N GLU B 81 3.46 -29.18 -12.31
CA GLU B 81 4.54 -29.11 -13.30
C GLU B 81 5.14 -30.48 -13.69
N CYS B 82 5.19 -31.43 -12.75
CA CYS B 82 5.73 -32.75 -13.07
C CYS B 82 4.74 -33.88 -12.97
N ALA B 83 3.45 -33.54 -12.90
CA ALA B 83 2.41 -34.56 -12.81
C ALA B 83 2.63 -35.55 -11.66
N GLY B 84 2.79 -35.07 -10.44
CA GLY B 84 2.97 -35.96 -9.31
C GLY B 84 3.69 -35.36 -8.12
N LEU B 85 4.06 -36.21 -7.16
CA LEU B 85 4.75 -35.73 -5.97
C LEU B 85 6.14 -35.25 -6.31
N SER B 86 6.70 -34.42 -5.44
CA SER B 86 8.04 -33.88 -5.62
C SER B 86 8.54 -33.34 -4.30
N GLU B 87 9.83 -33.02 -4.23
CA GLU B 87 10.43 -32.49 -3.01
C GLU B 87 9.55 -31.42 -2.38
N ARG B 88 8.89 -30.62 -3.22
CA ARG B 88 8.04 -29.54 -2.72
C ARG B 88 6.83 -30.02 -1.93
N ASP B 89 6.25 -31.15 -2.33
CA ASP B 89 5.10 -31.70 -1.63
C ASP B 89 5.54 -32.22 -0.28
N ILE B 90 6.66 -32.92 -0.26
CA ILE B 90 7.16 -33.46 0.98
C ILE B 90 7.60 -32.32 1.88
N ASN B 91 8.27 -31.33 1.29
CA ASN B 91 8.73 -30.17 2.06
C ASN B 91 7.55 -29.50 2.73
N LEU B 92 6.56 -29.10 1.93
CA LEU B 92 5.38 -28.43 2.45
C LEU B 92 4.64 -29.27 3.50
N ALA B 93 4.50 -30.58 3.24
CA ALA B 93 3.83 -31.45 4.18
C ALA B 93 4.52 -31.45 5.54
N SER B 94 5.84 -31.53 5.55
CA SER B 94 6.58 -31.54 6.79
C SER B 94 6.34 -30.26 7.57
N PHE B 95 6.34 -29.14 6.88
CA PHE B 95 6.10 -27.87 7.55
C PHE B 95 4.68 -27.83 8.12
N ILE B 96 3.72 -28.37 7.35
CA ILE B 96 2.33 -28.40 7.79
C ILE B 96 2.22 -29.19 9.09
N GLU B 97 2.98 -30.27 9.22
CA GLU B 97 2.95 -31.10 10.42
C GLU B 97 3.55 -30.35 11.61
N GLN B 98 4.58 -29.56 11.36
CA GLN B 98 5.19 -28.80 12.42
C GLN B 98 4.16 -27.84 13.00
N VAL B 99 3.37 -27.21 12.12
CA VAL B 99 2.35 -26.26 12.56
C VAL B 99 1.16 -26.95 13.21
N ALA B 100 0.71 -28.05 12.63
CA ALA B 100 -0.43 -28.76 13.18
C ALA B 100 -0.13 -29.31 14.57
N VAL B 101 1.05 -29.91 14.73
CA VAL B 101 1.42 -30.48 16.02
C VAL B 101 1.62 -29.32 16.99
N SER B 102 1.98 -28.17 16.45
CA SER B 102 2.20 -26.97 17.25
C SER B 102 0.87 -26.50 17.83
N HIS C 6 7.75 39.41 -25.14
CA HIS C 6 7.47 39.29 -23.68
C HIS C 6 8.75 39.53 -22.89
N ARG C 7 9.90 39.40 -23.56
CA ARG C 7 11.19 39.60 -22.92
C ARG C 7 11.36 41.06 -22.48
N LEU C 8 11.61 41.24 -21.19
CA LEU C 8 11.77 42.57 -20.61
C LEU C 8 12.89 43.37 -21.27
N SER C 9 12.50 44.36 -22.06
CA SER C 9 13.46 45.22 -22.74
C SER C 9 14.27 45.95 -21.67
N ALA C 10 15.49 46.32 -22.01
CA ALA C 10 16.35 47.04 -21.07
C ALA C 10 15.53 48.06 -20.28
N GLU C 11 14.48 48.58 -20.92
CA GLU C 11 13.59 49.56 -20.33
C GLU C 11 12.77 48.93 -19.20
N GLU C 12 12.26 47.73 -19.46
CA GLU C 12 11.46 46.99 -18.51
C GLU C 12 12.31 46.49 -17.35
N ARG C 13 13.47 45.94 -17.66
CA ARG C 13 14.36 45.44 -16.63
C ARG C 13 14.70 46.56 -15.66
N ASP C 14 14.92 47.74 -16.22
CA ASP C 14 15.27 48.94 -15.46
C ASP C 14 14.16 49.41 -14.52
N GLN C 15 12.92 49.06 -14.83
CA GLN C 15 11.78 49.48 -13.99
C GLN C 15 11.11 48.35 -13.20
N LEU C 16 11.53 47.11 -13.43
CA LEU C 16 10.93 45.97 -12.74
C LEU C 16 11.86 45.21 -11.80
N LEU C 17 13.14 45.12 -12.17
CA LEU C 17 14.13 44.40 -11.38
C LEU C 17 14.52 45.06 -10.05
N PRO C 18 14.65 46.40 -10.03
CA PRO C 18 15.03 47.10 -8.81
C PRO C 18 14.29 46.68 -7.54
N ASN C 19 12.97 46.64 -7.59
CA ASN C 19 12.19 46.26 -6.41
C ASN C 19 12.51 44.87 -5.91
N LEU C 20 12.83 43.96 -6.83
CA LEU C 20 13.16 42.59 -6.46
C LEU C 20 14.60 42.54 -5.98
N ARG C 21 15.44 43.27 -6.69
CA ARG C 21 16.84 43.39 -6.39
C ARG C 21 16.94 44.03 -5.02
N ALA C 22 16.13 45.07 -4.83
CA ALA C 22 16.09 45.80 -3.57
C ALA C 22 15.46 44.96 -2.48
N VAL C 23 15.23 43.68 -2.78
CA VAL C 23 14.63 42.76 -1.82
C VAL C 23 15.45 41.49 -1.58
N GLY C 24 16.48 41.26 -2.39
CA GLY C 24 17.28 40.06 -2.21
C GLY C 24 17.46 39.18 -3.43
N TRP C 25 16.75 39.48 -4.51
CA TRP C 25 16.89 38.72 -5.76
C TRP C 25 18.15 39.19 -6.48
N ASN C 26 18.78 38.26 -7.20
CA ASN C 26 20.01 38.56 -7.93
C ASN C 26 19.96 37.88 -9.28
N GLU C 27 20.64 38.48 -10.25
CA GLU C 27 20.73 37.94 -11.60
C GLU C 27 21.76 36.85 -11.50
N LEU C 28 21.37 35.67 -11.96
CA LEU C 28 22.23 34.49 -11.93
C LEU C 28 23.42 34.64 -12.88
N GLU C 29 24.59 34.24 -12.41
CA GLU C 29 25.77 34.33 -13.24
C GLU C 29 25.76 33.19 -14.26
N GLY C 30 25.68 33.57 -15.53
CA GLY C 30 25.68 32.59 -16.60
C GLY C 30 24.32 32.23 -17.15
N ARG C 31 23.32 33.09 -16.95
CA ARG C 31 21.98 32.81 -17.47
C ARG C 31 20.98 33.90 -17.11
N ASP C 32 20.35 34.48 -18.12
CA ASP C 32 19.36 35.54 -17.89
C ASP C 32 18.27 34.97 -17.00
N ALA C 33 18.47 35.11 -15.69
CA ALA C 33 17.51 34.62 -14.70
C ALA C 33 17.79 35.25 -13.34
N ILE C 34 16.80 35.23 -12.47
CA ILE C 34 16.99 35.79 -11.14
C ILE C 34 16.88 34.67 -10.10
N PHE C 35 17.56 34.83 -8.97
CA PHE C 35 17.50 33.82 -7.92
C PHE C 35 17.50 34.42 -6.52
N LYS C 36 17.04 33.62 -5.56
CA LYS C 36 17.02 34.02 -4.16
C LYS C 36 16.86 32.84 -3.20
N GLN C 37 17.74 32.78 -2.21
CA GLN C 37 17.72 31.73 -1.23
C GLN C 37 16.73 32.11 -0.12
N PHE C 38 15.88 31.16 0.26
CA PHE C 38 14.91 31.39 1.31
C PHE C 38 15.19 30.42 2.46
N HIS C 39 14.95 30.86 3.69
CA HIS C 39 15.15 30.03 4.88
C HIS C 39 13.94 30.13 5.79
N PHE C 40 13.47 29.00 6.29
CA PHE C 40 12.33 29.00 7.20
C PHE C 40 12.63 28.24 8.49
N LYS C 41 11.61 28.07 9.32
CA LYS C 41 11.77 27.37 10.59
C LYS C 41 12.13 25.89 10.44
N ASP C 42 11.41 25.22 9.56
CA ASP C 42 11.61 23.79 9.34
C ASP C 42 11.11 23.38 7.96
N PHE C 43 11.26 22.09 7.64
CA PHE C 43 10.81 21.59 6.35
C PHE C 43 9.33 21.89 6.14
N ASN C 44 8.53 21.63 7.18
CA ASN C 44 7.08 21.86 7.12
C ASN C 44 6.74 23.26 6.63
N ARG C 45 7.35 24.27 7.24
CA ARG C 45 7.12 25.65 6.83
C ARG C 45 7.58 25.79 5.38
N ALA C 46 8.80 25.31 5.13
CA ALA C 46 9.39 25.36 3.81
C ALA C 46 8.47 24.79 2.75
N PHE C 47 7.88 23.63 3.04
CA PHE C 47 6.99 23.00 2.07
C PHE C 47 5.63 23.66 2.01
N GLY C 48 5.25 24.37 3.08
CA GLY C 48 3.98 25.06 3.08
C GLY C 48 4.14 26.19 2.10
N PHE C 49 5.30 26.83 2.19
CA PHE C 49 5.70 27.94 1.32
C PHE C 49 5.67 27.47 -0.12
N THR C 51 4.21 24.99 -1.41
CA THR C 51 2.84 24.64 -1.81
C THR C 51 2.06 25.87 -2.25
N ARG C 52 2.09 26.92 -1.44
CA ARG C 52 1.37 28.14 -1.81
C ARG C 52 1.90 28.66 -3.15
N VAL C 53 3.23 28.77 -3.25
CA VAL C 53 3.86 29.24 -4.48
C VAL C 53 3.47 28.35 -5.67
N ALA C 54 3.36 27.05 -5.41
CA ALA C 54 2.99 26.09 -6.44
C ALA C 54 1.60 26.38 -7.02
N LEU C 55 0.66 26.67 -6.13
CA LEU C 55 -0.71 26.96 -6.55
C LEU C 55 -0.76 28.20 -7.43
N GLN C 56 0.03 29.21 -7.09
CA GLN C 56 0.06 30.43 -7.88
C GLN C 56 0.74 30.13 -9.23
N ALA C 57 1.75 29.27 -9.19
CA ALA C 57 2.46 28.89 -10.39
C ALA C 57 1.49 28.27 -11.39
N GLU C 58 0.50 27.55 -10.88
CA GLU C 58 -0.51 26.93 -11.73
C GLU C 58 -1.37 28.00 -12.38
N LYS C 59 -1.84 28.95 -11.58
CA LYS C 59 -2.68 30.04 -12.10
C LYS C 59 -1.94 30.87 -13.15
N LEU C 60 -0.63 30.99 -12.99
CA LEU C 60 0.17 31.78 -13.92
C LEU C 60 0.66 30.91 -15.05
N ASP C 61 0.64 29.60 -14.82
CA ASP C 61 1.07 28.66 -15.82
C ASP C 61 2.56 28.90 -16.04
N HIS C 62 3.23 29.36 -14.99
CA HIS C 62 4.65 29.63 -15.03
C HIS C 62 5.22 28.96 -13.77
N HIS C 63 6.29 28.20 -13.93
CA HIS C 63 6.84 27.48 -12.78
C HIS C 63 8.29 27.77 -12.44
N PRO C 64 8.62 27.73 -11.14
CA PRO C 64 9.97 28.00 -10.66
C PRO C 64 10.94 26.83 -10.76
N GLU C 65 12.23 27.16 -10.74
CA GLU C 65 13.28 26.16 -10.74
C GLU C 65 13.73 26.22 -9.29
N TRP C 66 13.21 25.32 -8.46
CA TRP C 66 13.56 25.36 -7.05
C TRP C 66 14.17 24.10 -6.46
N PHE C 67 15.03 24.30 -5.48
CA PHE C 67 15.74 23.23 -4.78
C PHE C 67 15.42 23.39 -3.30
N ASN C 68 15.02 22.31 -2.65
CA ASN C 68 14.70 22.34 -1.23
C ASN C 68 15.45 21.32 -0.39
N VAL C 69 15.96 21.78 0.74
CA VAL C 69 16.68 20.95 1.69
C VAL C 69 16.18 21.33 3.07
N TYR C 70 15.25 20.55 3.60
CA TYR C 70 14.67 20.80 4.91
C TYR C 70 13.97 22.16 4.98
N ASN C 71 14.62 23.14 5.60
CA ASN C 71 14.01 24.47 5.75
C ASN C 71 14.52 25.49 4.72
N LYS C 72 15.37 25.03 3.80
CA LYS C 72 15.97 25.90 2.77
C LYS C 72 15.40 25.72 1.36
N VAL C 73 14.92 26.81 0.79
CA VAL C 73 14.35 26.78 -0.54
C VAL C 73 15.04 27.79 -1.44
N HIS C 74 15.79 27.29 -2.41
CA HIS C 74 16.49 28.14 -3.36
C HIS C 74 15.66 28.21 -4.63
N ILE C 75 15.29 29.43 -5.03
CA ILE C 75 14.46 29.60 -6.21
C ILE C 75 15.14 30.35 -7.35
N THR C 76 14.98 29.83 -8.56
CA THR C 76 15.53 30.45 -9.74
C THR C 76 14.38 30.61 -10.73
N LEU C 77 14.21 31.81 -11.27
CA LEU C 77 13.14 32.08 -12.19
C LEU C 77 13.68 32.53 -13.55
N SER C 78 13.12 31.92 -14.59
CA SER C 78 13.49 32.16 -15.98
C SER C 78 12.49 31.37 -16.83
N THR C 79 12.69 31.36 -18.15
CA THR C 79 11.77 30.65 -19.03
C THR C 79 12.39 29.55 -19.90
N HIS C 80 13.63 29.19 -19.60
CA HIS C 80 14.36 28.15 -20.33
C HIS C 80 14.38 28.31 -21.85
N GLU C 81 15.56 28.67 -22.37
CA GLU C 81 15.76 28.88 -23.81
C GLU C 81 14.54 29.44 -24.52
N CYS C 82 13.91 30.44 -23.90
CA CYS C 82 12.74 31.08 -24.47
C CYS C 82 13.06 32.47 -25.00
N ALA C 83 13.45 33.36 -24.10
CA ALA C 83 13.81 34.74 -24.44
C ALA C 83 14.50 35.41 -23.26
N GLY C 84 14.84 34.61 -22.24
CA GLY C 84 15.50 35.14 -21.06
C GLY C 84 14.55 35.31 -19.89
N LEU C 85 14.20 36.57 -19.60
CA LEU C 85 13.30 36.90 -18.49
C LEU C 85 12.00 37.53 -19.00
N SER C 86 10.88 36.87 -18.73
CA SER C 86 9.58 37.38 -19.15
C SER C 86 8.87 38.07 -17.99
N GLU C 87 7.75 38.73 -18.29
CA GLU C 87 7.01 39.44 -17.26
C GLU C 87 6.48 38.46 -16.22
N ARG C 88 6.38 37.19 -16.60
CA ARG C 88 5.90 36.14 -15.71
C ARG C 88 6.85 35.94 -14.54
N ASP C 89 8.14 35.98 -14.83
CA ASP C 89 9.13 35.81 -13.79
C ASP C 89 8.97 36.90 -12.75
N ILE C 90 8.76 38.14 -13.21
CA ILE C 90 8.58 39.25 -12.30
C ILE C 90 7.28 39.06 -11.52
N ASN C 91 6.23 38.65 -12.23
CA ASN C 91 4.94 38.43 -11.60
C ASN C 91 5.05 37.38 -10.50
N LEU C 92 5.56 36.20 -10.85
CA LEU C 92 5.73 35.12 -9.87
C LEU C 92 6.62 35.52 -8.70
N ALA C 93 7.70 36.23 -8.99
CA ALA C 93 8.62 36.68 -7.94
C ALA C 93 7.89 37.58 -6.93
N SER C 94 7.09 38.53 -7.41
CA SER C 94 6.35 39.41 -6.53
C SER C 94 5.43 38.63 -5.62
N PHE C 95 4.72 37.65 -6.18
CA PHE C 95 3.83 36.85 -5.36
C PHE C 95 4.61 36.06 -4.33
N ILE C 96 5.76 35.54 -4.73
CA ILE C 96 6.62 34.78 -3.81
C ILE C 96 7.01 35.65 -2.61
N GLU C 97 7.29 36.92 -2.87
CA GLU C 97 7.67 37.84 -1.81
C GLU C 97 6.49 38.11 -0.86
N GLN C 98 5.29 38.21 -1.43
CA GLN C 98 4.08 38.43 -0.63
C GLN C 98 3.84 37.26 0.32
N VAL C 99 4.23 36.05 -0.08
CA VAL C 99 4.07 34.87 0.76
C VAL C 99 5.22 34.75 1.74
N ALA C 100 6.43 35.05 1.26
CA ALA C 100 7.64 34.99 2.08
C ALA C 100 7.56 35.96 3.25
N VAL C 101 6.99 37.13 3.00
CA VAL C 101 6.85 38.17 4.01
C VAL C 101 5.75 37.81 5.00
N SER C 102 4.52 37.72 4.51
CA SER C 102 3.37 37.39 5.34
C SER C 102 3.44 35.92 5.78
N THR C 104 6.73 35.21 7.69
CA THR C 104 8.05 35.32 8.32
C THR C 104 8.18 34.38 9.52
N ALA D 5 24.32 5.47 13.65
CA ALA D 5 24.97 5.69 12.31
C ALA D 5 25.43 4.37 11.69
N HIS D 6 26.74 4.15 11.69
CA HIS D 6 27.35 2.94 11.14
C HIS D 6 27.19 2.74 9.63
N ARG D 7 26.11 3.29 9.06
CA ARG D 7 25.85 3.17 7.62
C ARG D 7 25.61 1.74 7.17
N LEU D 8 24.74 1.57 6.18
CA LEU D 8 24.41 0.25 5.65
C LEU D 8 25.65 -0.57 5.31
N SER D 9 26.02 -1.48 6.20
CA SER D 9 27.19 -2.31 5.97
C SER D 9 27.12 -2.92 4.58
N ALA D 10 28.24 -3.44 4.12
CA ALA D 10 28.33 -4.06 2.79
C ALA D 10 27.28 -5.17 2.65
N GLU D 11 26.96 -5.79 3.78
CA GLU D 11 25.97 -6.86 3.77
C GLU D 11 24.60 -6.27 3.44
N GLU D 12 24.24 -5.23 4.18
CA GLU D 12 22.95 -4.56 4.00
C GLU D 12 22.80 -3.97 2.60
N ARG D 13 23.84 -3.29 2.11
CA ARG D 13 23.78 -2.70 0.78
C ARG D 13 23.52 -3.80 -0.25
N ASP D 14 24.16 -4.94 -0.02
CA ASP D 14 24.04 -6.09 -0.91
C ASP D 14 22.62 -6.69 -0.96
N GLN D 15 21.85 -6.48 0.10
CA GLN D 15 20.50 -7.03 0.18
C GLN D 15 19.38 -5.99 0.08
N LEU D 16 19.72 -4.70 0.06
CA LEU D 16 18.71 -3.65 -0.01
C LEU D 16 18.75 -2.79 -1.27
N LEU D 17 19.95 -2.57 -1.79
CA LEU D 17 20.14 -1.75 -2.99
C LEU D 17 19.64 -2.36 -4.30
N PRO D 18 19.85 -3.67 -4.50
CA PRO D 18 19.40 -4.34 -5.72
C PRO D 18 17.98 -4.00 -6.20
N ASN D 19 17.00 -4.13 -5.30
CA ASN D 19 15.62 -3.84 -5.66
C ASN D 19 15.43 -2.41 -6.16
N LEU D 20 16.18 -1.48 -5.60
CA LEU D 20 16.08 -0.08 -6.00
C LEU D 20 16.85 0.20 -7.29
N ARG D 21 18.10 -0.22 -7.34
CA ARG D 21 18.93 0.02 -8.52
C ARG D 21 18.27 -0.63 -9.73
N ALA D 22 17.58 -1.73 -9.49
CA ALA D 22 16.89 -2.44 -10.56
C ALA D 22 16.01 -1.46 -11.33
N VAL D 23 15.01 -0.91 -10.64
CA VAL D 23 14.09 0.05 -11.24
C VAL D 23 14.85 1.16 -11.96
N GLY D 24 15.43 2.06 -11.18
CA GLY D 24 16.18 3.16 -11.78
C GLY D 24 17.11 3.92 -10.84
N TRP D 25 17.24 3.47 -9.60
CA TRP D 25 18.11 4.18 -8.67
C TRP D 25 19.56 3.86 -8.95
N ASN D 26 20.42 4.86 -8.76
CA ASN D 26 21.85 4.70 -9.00
C ASN D 26 22.63 5.39 -7.90
N GLU D 27 23.83 4.86 -7.64
CA GLU D 27 24.70 5.43 -6.62
C GLU D 27 25.48 6.57 -7.27
N LEU D 28 25.74 7.65 -6.52
CA LEU D 28 26.49 8.78 -7.07
C LEU D 28 27.99 8.50 -7.11
N GLU D 29 28.72 9.31 -7.87
CA GLU D 29 30.16 9.15 -7.98
C GLU D 29 30.83 10.01 -6.91
N GLY D 30 31.73 9.40 -6.14
CA GLY D 30 32.42 10.13 -5.09
C GLY D 30 31.55 10.51 -3.91
N ARG D 31 30.31 10.05 -3.89
CA ARG D 31 29.38 10.35 -2.79
C ARG D 31 28.49 9.15 -2.47
N ASP D 32 28.37 8.82 -1.19
CA ASP D 32 27.54 7.69 -0.78
C ASP D 32 26.07 8.13 -0.72
N ALA D 33 25.40 8.00 -1.86
CA ALA D 33 23.99 8.37 -1.96
C ALA D 33 23.38 7.76 -3.23
N ILE D 34 22.06 7.68 -3.25
CA ILE D 34 21.36 7.13 -4.42
C ILE D 34 20.54 8.24 -5.08
N PHE D 35 20.36 8.13 -6.39
CA PHE D 35 19.63 9.15 -7.15
C PHE D 35 18.74 8.55 -8.23
N LYS D 36 17.71 9.28 -8.63
CA LYS D 36 16.79 8.83 -9.67
C LYS D 36 15.94 9.99 -10.21
N GLN D 37 15.95 10.15 -11.53
CA GLN D 37 15.17 11.20 -12.19
C GLN D 37 13.75 10.70 -12.41
N PHE D 38 12.77 11.55 -12.11
CA PHE D 38 11.36 11.20 -12.30
C PHE D 38 10.76 12.18 -13.29
N HIS D 39 9.80 11.72 -14.09
CA HIS D 39 9.15 12.55 -15.07
C HIS D 39 7.64 12.30 -15.01
N PHE D 40 6.85 13.38 -15.02
CA PHE D 40 5.40 13.24 -14.97
C PHE D 40 4.74 13.99 -16.13
N LYS D 41 3.41 13.96 -16.20
CA LYS D 41 2.74 14.64 -17.30
C LYS D 41 2.81 16.16 -17.21
N ASP D 42 2.67 16.71 -16.01
CA ASP D 42 2.72 18.15 -15.82
C ASP D 42 3.17 18.52 -14.41
N PHE D 43 3.30 19.82 -14.15
CA PHE D 43 3.72 20.30 -12.84
C PHE D 43 2.79 19.76 -11.77
N ASN D 44 1.48 19.85 -12.02
CA ASN D 44 0.46 19.39 -11.07
C ASN D 44 0.73 17.98 -10.59
N ARG D 45 0.94 17.06 -11.53
CA ARG D 45 1.23 15.68 -11.17
C ARG D 45 2.53 15.66 -10.38
N ALA D 46 3.53 16.34 -10.93
CA ALA D 46 4.84 16.43 -10.30
C ALA D 46 4.73 16.88 -8.85
N PHE D 47 3.95 17.94 -8.60
CA PHE D 47 3.81 18.43 -7.24
C PHE D 47 2.91 17.55 -6.37
N GLY D 48 2.05 16.77 -7.01
CA GLY D 48 1.20 15.88 -6.25
C GLY D 48 2.13 14.83 -5.69
N PHE D 49 3.03 14.37 -6.56
CA PHE D 49 4.04 13.38 -6.24
C PHE D 49 4.90 13.89 -5.07
N THR D 51 4.24 16.14 -2.95
CA THR D 51 3.43 16.28 -1.75
C THR D 51 3.30 14.95 -1.00
N ARG D 52 2.98 13.89 -1.72
CA ARG D 52 2.85 12.58 -1.10
C ARG D 52 4.17 12.21 -0.44
N VAL D 53 5.26 12.32 -1.21
CA VAL D 53 6.60 12.01 -0.72
C VAL D 53 6.93 12.84 0.51
N ALA D 54 6.51 14.11 0.49
CA ALA D 54 6.76 15.03 1.60
C ALA D 54 6.12 14.54 2.90
N LEU D 55 4.87 14.07 2.79
CA LEU D 55 4.15 13.57 3.95
C LEU D 55 4.86 12.36 4.57
N GLN D 56 5.39 11.49 3.73
CA GLN D 56 6.10 10.31 4.22
C GLN D 56 7.43 10.76 4.83
N ALA D 57 8.03 11.78 4.22
CA ALA D 57 9.30 12.32 4.73
C ALA D 57 9.11 12.80 6.16
N GLU D 58 7.93 13.34 6.46
CA GLU D 58 7.63 13.82 7.80
C GLU D 58 7.56 12.63 8.76
N LYS D 59 6.83 11.59 8.38
CA LYS D 59 6.69 10.40 9.21
C LYS D 59 8.04 9.75 9.48
N LEU D 60 8.95 9.82 8.51
CA LEU D 60 10.27 9.22 8.67
C LEU D 60 11.24 10.21 9.29
N ASP D 61 10.86 11.49 9.32
CA ASP D 61 11.73 12.54 9.82
C ASP D 61 13.03 12.44 9.04
N HIS D 62 12.89 12.06 7.78
CA HIS D 62 14.03 11.93 6.87
C HIS D 62 13.58 12.65 5.60
N HIS D 63 14.42 13.54 5.08
CA HIS D 63 14.03 14.30 3.91
C HIS D 63 14.93 14.16 2.69
N PRO D 64 14.34 14.22 1.49
CA PRO D 64 15.09 14.09 0.24
C PRO D 64 15.78 15.37 -0.22
N GLU D 65 16.76 15.18 -1.10
CA GLU D 65 17.48 16.29 -1.71
C GLU D 65 16.87 16.27 -3.10
N TRP D 66 15.86 17.10 -3.35
CA TRP D 66 15.24 17.10 -4.66
C TRP D 66 15.20 18.43 -5.40
N PHE D 67 15.24 18.31 -6.73
CA PHE D 67 15.23 19.44 -7.65
C PHE D 67 14.05 19.24 -8.59
N ASN D 68 13.23 20.28 -8.74
CA ASN D 68 12.07 20.20 -9.62
C ASN D 68 12.00 21.28 -10.68
N VAL D 69 11.70 20.86 -11.91
CA VAL D 69 11.57 21.78 -13.03
C VAL D 69 10.33 21.32 -13.79
N TYR D 70 9.21 21.99 -13.54
CA TYR D 70 7.94 21.68 -14.20
C TYR D 70 7.47 20.26 -13.88
N ASN D 71 7.65 19.34 -14.83
CA ASN D 71 7.22 17.95 -14.66
C ASN D 71 8.35 17.00 -14.27
N LYS D 72 9.56 17.50 -14.14
CA LYS D 72 10.69 16.67 -13.77
C LYS D 72 11.08 16.84 -12.31
N VAL D 73 11.35 15.73 -11.62
CA VAL D 73 11.74 15.75 -10.22
C VAL D 73 12.93 14.82 -10.04
N HIS D 74 14.09 15.40 -9.75
CA HIS D 74 15.30 14.63 -9.55
C HIS D 74 15.51 14.47 -8.04
N ILE D 75 15.60 13.23 -7.58
CA ILE D 75 15.76 12.98 -6.16
C ILE D 75 17.07 12.32 -5.77
N THR D 76 17.68 12.82 -4.70
CA THR D 76 18.93 12.27 -4.19
C THR D 76 18.71 12.00 -2.72
N LEU D 77 19.03 10.79 -2.29
CA LEU D 77 18.85 10.40 -0.90
C LEU D 77 20.16 9.98 -0.25
N SER D 78 20.33 10.33 1.02
CA SER D 78 21.54 9.97 1.75
C SER D 78 21.37 10.58 3.13
N THR D 79 22.37 10.39 4.01
CA THR D 79 22.29 10.95 5.35
C THR D 79 23.62 11.59 5.79
N HIS D 80 23.59 12.89 6.07
CA HIS D 80 24.78 13.62 6.50
C HIS D 80 25.51 12.86 7.60
N GLU D 81 24.90 12.84 8.78
CA GLU D 81 25.45 12.19 9.98
C GLU D 81 25.85 10.73 9.79
N CYS D 82 26.61 10.46 8.74
CA CYS D 82 27.07 9.11 8.43
C CYS D 82 27.63 9.13 7.01
N ALA D 83 27.23 10.14 6.26
CA ALA D 83 27.67 10.31 4.88
C ALA D 83 27.42 9.05 4.05
N GLY D 84 26.15 8.78 3.78
CA GLY D 84 25.81 7.60 2.99
C GLY D 84 24.39 7.08 3.18
N LEU D 85 24.18 5.86 2.70
CA LEU D 85 22.88 5.21 2.78
C LEU D 85 22.67 4.62 4.17
N SER D 86 21.46 4.73 4.69
CA SER D 86 21.14 4.21 6.02
C SER D 86 19.71 3.66 6.12
N GLU D 87 19.34 3.24 7.33
CA GLU D 87 18.02 2.69 7.58
C GLU D 87 16.94 3.76 7.53
N ARG D 88 16.96 4.56 6.46
CA ARG D 88 15.99 5.63 6.25
C ARG D 88 15.94 5.99 4.76
N ASP D 89 17.08 5.95 4.09
CA ASP D 89 17.17 6.25 2.66
C ASP D 89 16.45 5.15 1.88
N ILE D 90 16.69 3.90 2.27
CA ILE D 90 16.06 2.76 1.62
C ILE D 90 14.56 2.83 1.89
N ASN D 91 14.20 3.12 3.13
CA ASN D 91 12.79 3.22 3.51
C ASN D 91 12.08 4.24 2.64
N LEU D 92 12.58 5.48 2.67
CA LEU D 92 11.97 6.55 1.89
C LEU D 92 11.93 6.25 0.40
N ALA D 93 12.99 5.64 -0.13
CA ALA D 93 13.05 5.31 -1.55
C ALA D 93 11.93 4.34 -1.92
N SER D 94 11.72 3.33 -1.08
CA SER D 94 10.68 2.34 -1.34
C SER D 94 9.31 3.00 -1.40
N PHE D 95 9.06 3.91 -0.46
CA PHE D 95 7.78 4.60 -0.45
C PHE D 95 7.63 5.47 -1.69
N ILE D 96 8.72 6.11 -2.10
CA ILE D 96 8.70 6.95 -3.28
C ILE D 96 8.30 6.14 -4.51
N GLU D 97 8.79 4.91 -4.58
CA GLU D 97 8.47 4.02 -5.70
C GLU D 97 7.00 3.62 -5.68
N GLN D 98 6.46 3.45 -4.47
CA GLN D 98 5.06 3.08 -4.29
C GLN D 98 4.17 4.18 -4.86
N VAL D 99 4.59 5.42 -4.66
CA VAL D 99 3.83 6.58 -5.14
C VAL D 99 4.06 6.81 -6.62
N ALA D 100 5.33 6.76 -7.03
CA ALA D 100 5.71 6.98 -8.42
C ALA D 100 4.82 6.16 -9.35
N VAL D 101 5.06 4.85 -9.35
CA VAL D 101 4.31 3.91 -10.18
C VAL D 101 2.85 4.30 -10.33
N SER D 102 2.21 4.64 -9.23
CA SER D 102 0.81 5.05 -9.24
C SER D 102 0.69 6.53 -9.53
N THR D 104 0.10 7.57 -13.35
CA THR D 104 -0.09 7.65 -14.79
C THR D 104 -0.86 8.92 -15.17
N MET E 1 -15.88 -0.42 20.25
CA MET E 1 -16.10 -1.73 19.57
C MET E 1 -15.03 -2.75 19.99
N VAL E 2 -14.98 -3.02 21.29
CA VAL E 2 -14.04 -3.97 21.88
C VAL E 2 -12.59 -3.45 21.95
N SER E 3 -12.11 -2.85 20.86
CA SER E 3 -10.76 -2.31 20.78
C SER E 3 -9.70 -3.41 20.95
N LYS E 4 -10.11 -4.48 21.63
CA LYS E 4 -9.25 -5.64 21.88
C LYS E 4 -9.25 -6.50 20.62
N LEU E 5 -8.05 -6.75 20.07
CA LEU E 5 -7.95 -7.57 18.86
C LEU E 5 -8.83 -8.80 19.04
N SER E 6 -9.55 -9.17 17.98
CA SER E 6 -10.44 -10.33 18.02
C SER E 6 -9.58 -11.58 18.11
N GLN E 7 -10.21 -12.69 18.47
CA GLN E 7 -9.49 -13.94 18.57
C GLN E 7 -8.75 -14.27 17.27
N LEU E 8 -9.36 -13.93 16.13
CA LEU E 8 -8.75 -14.20 14.83
C LEU E 8 -7.68 -13.22 14.42
N GLN E 9 -7.89 -11.93 14.71
CA GLN E 9 -6.91 -10.90 14.35
C GLN E 9 -5.59 -11.17 15.07
N THR E 10 -5.66 -11.85 16.21
CA THR E 10 -4.46 -12.18 16.96
C THR E 10 -3.68 -13.26 16.21
N GLU E 11 -4.42 -14.26 15.73
CA GLU E 11 -3.83 -15.37 14.97
C GLU E 11 -3.08 -14.82 13.76
N LEU E 12 -3.74 -13.94 13.02
CA LEU E 12 -3.14 -13.35 11.83
C LEU E 12 -1.84 -12.62 12.14
N LEU E 13 -1.83 -11.92 13.28
CA LEU E 13 -0.64 -11.17 13.69
C LEU E 13 0.42 -12.16 14.14
N ALA E 14 0.01 -13.09 14.99
CA ALA E 14 0.93 -14.11 15.48
C ALA E 14 1.62 -14.76 14.28
N ALA E 15 0.84 -15.45 13.47
CA ALA E 15 1.35 -16.13 12.28
C ALA E 15 2.18 -15.20 11.41
N LEU E 16 1.81 -13.93 11.38
CA LEU E 16 2.51 -12.96 10.56
C LEU E 16 3.93 -12.75 11.08
N LEU E 17 4.13 -12.91 12.38
CA LEU E 17 5.45 -12.76 12.97
C LEU E 17 6.22 -14.08 12.82
N GLU E 18 5.61 -15.17 13.27
CA GLU E 18 6.22 -16.49 13.19
C GLU E 18 6.68 -16.85 11.79
N SER E 19 6.26 -16.06 10.80
CA SER E 19 6.66 -16.33 9.42
C SER E 19 8.07 -15.76 9.21
N GLY E 20 8.68 -15.32 10.30
CA GLY E 20 10.01 -14.77 10.21
C GLY E 20 9.96 -13.28 9.87
N LEU E 21 9.14 -12.55 10.61
CA LEU E 21 8.97 -11.12 10.40
C LEU E 21 9.08 -10.38 11.72
N SER E 22 10.19 -9.65 11.90
CA SER E 22 10.43 -8.89 13.12
C SER E 22 9.41 -7.78 13.31
N LYS E 23 8.96 -7.62 14.55
CA LYS E 23 7.98 -6.58 14.89
C LYS E 23 8.44 -5.24 14.33
N GLU E 24 9.74 -5.02 14.37
CA GLU E 24 10.33 -3.78 13.87
C GLU E 24 9.97 -3.57 12.41
N ALA E 25 10.47 -4.45 11.55
CA ALA E 25 10.20 -4.37 10.12
C ALA E 25 8.71 -4.29 9.86
N LEU E 26 7.93 -4.78 10.81
CA LEU E 26 6.48 -4.77 10.70
C LEU E 26 5.94 -3.38 11.02
N ILE E 27 6.27 -2.88 12.20
CA ILE E 27 5.81 -1.55 12.63
C ILE E 27 6.28 -0.50 11.62
N GLN E 28 7.47 -0.73 11.07
CA GLN E 28 8.03 0.18 10.08
C GLN E 28 7.14 0.20 8.85
N ALA E 29 6.96 -0.97 8.25
CA ALA E 29 6.12 -1.11 7.06
C ALA E 29 4.72 -0.55 7.35
N LEU E 30 4.28 -0.68 8.60
CA LEU E 30 2.98 -0.19 9.01
C LEU E 30 3.02 1.33 9.16
N GLY E 31 3.93 1.97 8.43
CA GLY E 31 4.07 3.41 8.48
C GLY E 31 5.40 3.89 9.05
N LEU F 5 8.55 -6.62 2.89
CA LEU F 5 7.61 -7.75 3.10
C LEU F 5 7.36 -8.49 1.79
N SER F 6 7.00 -9.77 1.89
CA SER F 6 6.70 -10.55 0.70
C SER F 6 5.34 -10.03 0.24
N GLN F 7 4.95 -10.39 -0.98
CA GLN F 7 3.67 -9.93 -1.50
C GLN F 7 2.53 -10.33 -0.57
N LEU F 8 2.53 -11.59 -0.14
CA LEU F 8 1.47 -12.10 0.73
C LEU F 8 1.39 -11.47 2.10
N GLN F 9 2.54 -11.23 2.73
CA GLN F 9 2.57 -10.62 4.04
C GLN F 9 1.94 -9.23 4.01
N THR F 10 1.99 -8.59 2.84
CA THR F 10 1.41 -7.27 2.67
C THR F 10 -0.12 -7.40 2.69
N GLU F 11 -0.63 -8.40 1.97
CA GLU F 11 -2.05 -8.67 1.90
C GLU F 11 -2.61 -8.87 3.30
N LEU F 12 -1.94 -9.72 4.07
CA LEU F 12 -2.38 -10.02 5.43
C LEU F 12 -2.44 -8.78 6.30
N LEU F 13 -1.47 -7.88 6.13
CA LEU F 13 -1.43 -6.65 6.90
C LEU F 13 -2.53 -5.73 6.39
N ALA F 14 -2.60 -5.58 5.08
CA ALA F 14 -3.63 -4.73 4.47
C ALA F 14 -4.98 -5.16 5.01
N ALA F 15 -5.39 -6.38 4.69
CA ALA F 15 -6.66 -6.93 5.13
C ALA F 15 -6.85 -6.81 6.64
N LEU F 16 -5.75 -6.90 7.38
CA LEU F 16 -5.80 -6.81 8.83
C LEU F 16 -6.24 -5.42 9.27
N LEU F 17 -5.90 -4.41 8.48
CA LEU F 17 -6.28 -3.04 8.78
C LEU F 17 -7.71 -2.79 8.30
N GLU F 18 -7.95 -3.08 7.02
CA GLU F 18 -9.25 -2.89 6.41
C GLU F 18 -10.37 -3.58 7.17
N SER F 19 -10.01 -4.44 8.12
CA SER F 19 -11.01 -5.15 8.91
C SER F 19 -11.49 -4.21 10.02
N GLY F 20 -11.06 -2.96 9.94
CA GLY F 20 -11.44 -1.98 10.95
C GLY F 20 -10.51 -2.03 12.13
N LEU F 21 -9.22 -1.99 11.86
CA LEU F 21 -8.21 -2.04 12.91
C LEU F 21 -7.18 -0.94 12.69
N SER F 22 -7.20 0.07 13.56
CA SER F 22 -6.27 1.19 13.47
C SER F 22 -4.83 0.76 13.69
N LYS F 23 -3.93 1.31 12.88
CA LYS F 23 -2.50 0.99 12.98
C LYS F 23 -2.05 1.13 14.43
N GLU F 24 -2.61 2.14 15.11
CA GLU F 24 -2.28 2.40 16.50
C GLU F 24 -2.55 1.17 17.36
N ALA F 25 -3.83 0.80 17.48
CA ALA F 25 -4.24 -0.35 18.27
C ALA F 25 -3.46 -1.59 17.84
N LEU F 26 -2.95 -1.56 16.61
CA LEU F 26 -2.18 -2.67 16.06
C LEU F 26 -0.75 -2.63 16.61
N ILE F 27 -0.07 -1.50 16.41
CA ILE F 27 1.29 -1.34 16.88
C ILE F 27 1.34 -1.54 18.39
N GLN F 28 0.29 -1.11 19.06
CA GLN F 28 0.19 -1.24 20.51
C GLN F 28 0.17 -2.72 20.86
N ALA F 29 -0.81 -3.44 20.33
CA ALA F 29 -0.94 -4.87 20.58
C ALA F 29 0.35 -5.59 20.23
N LEU F 30 1.04 -5.07 19.21
CA LEU F 30 2.31 -5.63 18.75
C LEU F 30 3.42 -5.28 19.74
N GLY F 31 4.61 -5.81 19.51
CA GLY F 31 5.73 -5.54 20.39
C GLY F 31 5.49 -5.96 21.83
N LYS G 4 -5.80 14.21 15.18
CA LYS G 4 -5.96 15.53 14.50
C LYS G 4 -4.91 15.71 13.41
N LEU G 5 -4.92 16.86 12.75
CA LEU G 5 -3.98 17.17 11.68
C LEU G 5 -2.58 17.37 12.23
N SER G 6 -1.62 17.59 11.34
CA SER G 6 -0.23 17.82 11.74
C SER G 6 0.14 19.28 11.52
N GLN G 7 1.43 19.56 11.56
CA GLN G 7 1.93 20.92 11.35
C GLN G 7 1.86 21.24 9.86
N LEU G 8 2.16 20.24 9.05
CA LEU G 8 2.17 20.37 7.60
C LEU G 8 0.81 20.22 6.93
N GLN G 9 0.01 19.29 7.43
CA GLN G 9 -1.32 19.07 6.85
C GLN G 9 -2.17 20.33 6.99
N THR G 10 -1.86 21.15 8.00
CA THR G 10 -2.59 22.39 8.21
C THR G 10 -2.21 23.38 7.12
N GLU G 11 -0.91 23.45 6.85
CA GLU G 11 -0.38 24.34 5.81
C GLU G 11 -1.05 24.05 4.48
N LEU G 12 -1.08 22.77 4.12
CA LEU G 12 -1.67 22.35 2.86
C LEU G 12 -3.14 22.76 2.76
N LEU G 13 -3.86 22.64 3.87
CA LEU G 13 -5.27 23.00 3.89
C LEU G 13 -5.38 24.52 3.82
N ALA G 14 -4.61 25.20 4.65
CA ALA G 14 -4.60 26.66 4.66
C ALA G 14 -4.39 27.16 3.24
N ALA G 15 -3.21 26.87 2.70
CA ALA G 15 -2.86 27.28 1.34
C ALA G 15 -3.91 26.87 0.33
N LEU G 16 -4.55 25.72 0.57
CA LEU G 16 -5.56 25.22 -0.34
C LEU G 16 -6.78 26.15 -0.37
N LEU G 17 -7.05 26.81 0.74
CA LEU G 17 -8.17 27.75 0.82
C LEU G 17 -7.73 29.10 0.25
N GLU G 18 -6.62 29.61 0.77
CA GLU G 18 -6.08 30.90 0.36
C GLU G 18 -5.88 30.99 -1.15
N SER G 19 -5.96 29.85 -1.83
CA SER G 19 -5.78 29.83 -3.28
C SER G 19 -7.10 30.24 -3.93
N GLY G 20 -8.03 30.70 -3.10
CA GLY G 20 -9.32 31.12 -3.62
C GLY G 20 -10.26 29.94 -3.75
N LEU G 21 -10.36 29.14 -2.69
CA LEU G 21 -11.23 27.98 -2.68
C LEU G 21 -12.08 27.97 -1.42
N SER G 22 -13.38 28.21 -1.59
CA SER G 22 -14.32 28.24 -0.47
C SER G 22 -14.45 26.88 0.21
N LYS G 23 -14.48 26.88 1.53
CA LYS G 23 -14.61 25.66 2.31
C LYS G 23 -15.77 24.83 1.76
N GLU G 24 -16.83 25.51 1.35
CA GLU G 24 -18.00 24.85 0.80
C GLU G 24 -17.62 23.99 -0.40
N ALA G 25 -17.19 24.63 -1.47
CA ALA G 25 -16.78 23.93 -2.69
C ALA G 25 -15.77 22.85 -2.37
N LEU G 26 -15.08 23.01 -1.24
CA LEU G 26 -14.08 22.05 -0.81
C LEU G 26 -14.74 20.84 -0.17
N ILE G 27 -15.55 21.09 0.85
CA ILE G 27 -16.26 20.01 1.54
C ILE G 27 -17.13 19.24 0.55
N GLN G 28 -17.68 19.96 -0.41
CA GLN G 28 -18.52 19.37 -1.44
C GLN G 28 -17.69 18.38 -2.24
N ALA G 29 -16.62 18.88 -2.85
CA ALA G 29 -15.73 18.05 -3.65
C ALA G 29 -15.23 16.87 -2.82
N LEU G 30 -15.08 17.11 -1.52
CA LEU G 30 -14.61 16.08 -0.61
C LEU G 30 -15.74 15.09 -0.31
N LEU H 5 -12.42 22.32 -8.37
CA LEU H 5 -11.00 22.13 -7.97
C LEU H 5 -10.12 22.10 -9.21
N SER H 6 -8.83 22.37 -9.01
CA SER H 6 -7.86 22.37 -10.10
C SER H 6 -7.06 21.09 -10.11
N GLN H 7 -6.43 20.79 -11.24
CA GLN H 7 -5.60 19.60 -11.36
C GLN H 7 -4.73 19.50 -10.14
N LEU H 8 -4.11 20.62 -9.73
CA LEU H 8 -3.22 20.62 -8.57
C LEU H 8 -3.94 20.63 -7.23
N GLN H 9 -5.03 21.38 -7.12
CA GLN H 9 -5.78 21.43 -5.87
C GLN H 9 -6.34 20.05 -5.53
N THR H 10 -6.55 19.23 -6.56
CA THR H 10 -7.06 17.88 -6.36
C THR H 10 -5.96 17.02 -5.73
N GLU H 11 -4.75 17.16 -6.27
CA GLU H 11 -3.59 16.42 -5.78
C GLU H 11 -3.39 16.71 -4.29
N LEU H 12 -3.41 17.99 -3.94
CA LEU H 12 -3.22 18.40 -2.56
C LEU H 12 -4.26 17.79 -1.64
N LEU H 13 -5.51 17.72 -2.11
CA LEU H 13 -6.58 17.14 -1.31
C LEU H 13 -6.39 15.63 -1.24
N ALA H 14 -6.14 15.02 -2.40
CA ALA H 14 -5.91 13.59 -2.46
C ALA H 14 -4.84 13.22 -1.45
N ALA H 15 -3.62 13.71 -1.69
CA ALA H 15 -2.49 13.45 -0.82
C ALA H 15 -2.79 13.77 0.64
N LEU H 16 -3.63 14.78 0.86
CA LEU H 16 -3.99 15.18 2.20
C LEU H 16 -4.79 14.09 2.91
N LEU H 17 -5.55 13.32 2.14
CA LEU H 17 -6.34 12.22 2.69
C LEU H 17 -5.45 10.99 2.85
N GLU H 18 -4.79 10.62 1.75
CA GLU H 18 -3.90 9.46 1.74
C GLU H 18 -2.85 9.50 2.83
N SER H 19 -2.69 10.65 3.47
CA SER H 19 -1.72 10.80 4.55
C SER H 19 -2.32 10.22 5.83
N GLY H 20 -3.47 9.59 5.69
CA GLY H 20 -4.14 9.00 6.85
C GLY H 20 -5.00 10.04 7.55
N LEU H 21 -5.82 10.74 6.77
CA LEU H 21 -6.71 11.76 7.31
C LEU H 21 -8.13 11.56 6.79
N SER H 22 -9.02 11.14 7.67
CA SER H 22 -10.42 10.89 7.31
C SER H 22 -11.12 12.18 6.89
N LYS H 23 -11.93 12.07 5.85
CA LYS H 23 -12.68 13.22 5.33
C LYS H 23 -13.42 13.91 6.48
N GLU H 24 -13.90 13.09 7.41
CA GLU H 24 -14.64 13.60 8.56
C GLU H 24 -13.77 14.59 9.35
N ALA H 25 -12.69 14.08 9.94
CA ALA H 25 -11.78 14.90 10.72
C ALA H 25 -11.33 16.11 9.91
N LEU H 26 -11.41 15.98 8.59
CA LEU H 26 -11.01 17.06 7.69
C LEU H 26 -12.11 18.11 7.60
N ILE H 27 -13.31 17.68 7.24
CA ILE H 27 -14.46 18.58 7.13
C ILE H 27 -14.69 19.28 8.47
N GLN H 28 -14.44 18.54 9.54
CA GLN H 28 -14.61 19.07 10.89
C GLN H 28 -13.64 20.22 11.10
N ALA H 29 -12.35 19.93 10.94
CA ALA H 29 -11.31 20.93 11.10
C ALA H 29 -11.59 22.11 10.18
N LEU H 30 -12.18 21.83 9.03
CA LEU H 30 -12.52 22.86 8.06
C LEU H 30 -13.74 23.64 8.51
#